data_6Q54
#
_entry.id   6Q54
#
_cell.length_a   98.331
_cell.length_b   121.738
_cell.length_c   47.134
_cell.angle_alpha   90.000
_cell.angle_beta   90.000
_cell.angle_gamma   90.000
#
_symmetry.space_group_name_H-M   'P 21 21 2'
#
loop_
_entity.id
_entity.type
_entity.pdbx_description
1 polymer 'Glutamate receptor 2'
2 non-polymer 'SULFATE ION'
3 non-polymer '(2~{S})-2-azanyl-3-(3-ethyl-5-oxidanyl-1,2,3-triazol-4-yl)propanoic acid'
4 non-polymer GLYCEROL
5 non-polymer 'TRIETHYLENE GLYCOL'
6 non-polymer 'CHLORIDE ION'
7 non-polymer 'CITRIC ACID'
8 non-polymer 'LITHIUM ION'
9 non-polymer DI(HYDROXYETHYL)ETHER
10 water water
#
_entity_poly.entity_id   1
_entity_poly.type   'polypeptide(L)'
_entity_poly.pdbx_seq_one_letter_code
;GANKTVVVTTILESPYVMMKKNHEMLEGNERYEGYCVDLAAEIAKHCGFKYKLTIVGDGKYGARDADTKIWNGMVGELVY
GKADIAIAPLTITLVREEVIDFSKPFMSLGISIMIKKGTPIESAEDLSKQTEIAYGTLDSGSTKEFFRRSKIAVFDKMWT
YMRSAEPSVFVRTTAEGVARVRKSKGKYAYLLESTMNEYIEQRKPCDTMKVGGNLDSKGYGIATPKGSSLGNAVNLAVLK
LNEQGLLDKLKNKWWYDKGECGSG
;
_entity_poly.pdbx_strand_id   A,B
#
loop_
_chem_comp.id
_chem_comp.type
_chem_comp.name
_chem_comp.formula
CIT non-polymer 'CITRIC ACID' 'C6 H8 O7'
CL non-polymer 'CHLORIDE ION' 'Cl -1'
GOL non-polymer GLYCEROL 'C3 H8 O3'
HJ8 non-polymer '(2~{S})-2-azanyl-3-(3-ethyl-5-oxidanyl-1,2,3-triazol-4-yl)propanoic acid' 'C7 H12 N4 O3'
LI non-polymer 'LITHIUM ION' 'Li 1'
PEG non-polymer DI(HYDROXYETHYL)ETHER 'C4 H10 O3'
PGE non-polymer 'TRIETHYLENE GLYCOL' 'C6 H14 O4'
SO4 non-polymer 'SULFATE ION' 'O4 S -2'
#
# COMPACT_ATOMS: atom_id res chain seq x y z
N GLY A 1 3.50 -7.56 -34.77
CA GLY A 1 4.49 -6.48 -34.48
C GLY A 1 5.91 -7.02 -34.48
N ALA A 2 6.86 -6.17 -34.10
CA ALA A 2 8.28 -6.52 -34.18
C ALA A 2 8.67 -7.49 -33.08
N ASN A 3 9.61 -8.37 -33.38
CA ASN A 3 10.10 -9.30 -32.37
C ASN A 3 10.77 -8.54 -31.23
N LYS A 4 10.71 -9.13 -30.06
CA LYS A 4 11.34 -8.63 -28.84
C LYS A 4 10.69 -7.35 -28.35
N THR A 5 9.51 -7.03 -28.85
CA THR A 5 8.79 -5.83 -28.44
C THR A 5 7.65 -6.20 -27.50
N VAL A 6 7.72 -5.66 -26.30
CA VAL A 6 6.70 -5.89 -25.28
C VAL A 6 5.51 -4.98 -25.55
N VAL A 7 4.34 -5.57 -25.72
CA VAL A 7 3.13 -4.80 -25.98
C VAL A 7 2.53 -4.40 -24.63
N VAL A 8 2.49 -3.10 -24.36
CA VAL A 8 1.95 -2.54 -23.12
C VAL A 8 0.52 -2.09 -23.36
N THR A 9 -0.43 -2.61 -22.60
CA THR A 9 -1.77 -2.06 -22.60
C THR A 9 -1.89 -1.05 -21.46
N THR A 10 -2.53 0.08 -21.74
CA THR A 10 -2.75 1.12 -20.76
C THR A 10 -4.04 1.82 -21.15
N ILE A 11 -4.39 2.86 -20.42
CA ILE A 11 -5.69 3.48 -20.52
C ILE A 11 -5.51 4.99 -20.46
N LEU A 12 -6.33 5.74 -21.23
CA LEU A 12 -6.27 7.19 -21.18
C LEU A 12 -6.96 7.67 -19.92
N GLU A 13 -6.18 8.16 -18.97
CA GLU A 13 -6.70 8.59 -17.69
C GLU A 13 -5.70 9.62 -17.17
N SER A 14 -6.13 10.86 -17.00
CA SER A 14 -5.17 11.91 -16.61
C SER A 14 -4.93 11.86 -15.12
N PRO A 15 -3.67 12.02 -14.63
CA PRO A 15 -2.44 12.31 -15.36
C PRO A 15 -1.58 11.09 -15.58
N TYR A 16 -2.19 9.90 -15.59
CA TYR A 16 -1.43 8.67 -15.81
C TYR A 16 -0.99 8.51 -17.25
N VAL A 17 -1.92 8.70 -18.19
CA VAL A 17 -1.64 8.63 -19.62
C VAL A 17 -2.56 9.63 -20.30
N MET A 18 -1.96 10.54 -21.06
CA MET A 18 -2.63 11.63 -21.74
C MET A 18 -2.06 11.78 -23.14
N MET A 19 -2.88 12.28 -24.06
CA MET A 19 -2.40 12.64 -25.39
C MET A 19 -1.65 13.95 -25.28
N LYS A 20 -0.43 13.98 -25.79
CA LYS A 20 0.32 15.23 -25.82
C LYS A 20 -0.35 16.25 -26.73
N LYS A 21 -0.09 17.52 -26.46
CA LYS A 21 -0.49 18.54 -27.41
C LYS A 21 0.12 18.26 -28.77
N ASN A 22 -0.67 18.47 -29.81
CA ASN A 22 -0.22 18.25 -31.18
C ASN A 22 0.14 16.79 -31.44
N HIS A 23 -0.45 15.87 -30.66
CA HIS A 23 -0.17 14.45 -30.83
C HIS A 23 -0.51 13.94 -32.23
N GLU A 24 -1.38 14.64 -32.96
CA GLU A 24 -1.80 14.23 -34.29
CA GLU A 24 -1.77 14.13 -34.27
C GLU A 24 -0.62 14.11 -35.25
N MET A 25 0.45 14.86 -35.02
CA MET A 25 1.62 14.75 -35.88
CA MET A 25 1.62 14.75 -35.88
C MET A 25 2.75 13.93 -35.26
N LEU A 26 2.51 13.35 -34.09
CA LEU A 26 3.45 12.46 -33.41
C LEU A 26 3.10 11.01 -33.74
N GLU A 27 4.02 10.11 -33.39
CA GLU A 27 3.89 8.71 -33.76
CA GLU A 27 3.85 8.71 -33.74
C GLU A 27 4.32 7.83 -32.60
N GLY A 28 3.70 6.67 -32.51
CA GLY A 28 4.15 5.65 -31.58
C GLY A 28 4.08 6.11 -30.14
N ASN A 29 5.09 5.71 -29.37
CA ASN A 29 5.08 5.99 -27.94
C ASN A 29 5.14 7.48 -27.66
N GLU A 30 5.64 8.27 -28.60
CA GLU A 30 5.79 9.70 -28.40
C GLU A 30 4.46 10.43 -28.39
N ARG A 31 3.35 9.79 -28.75
CA ARG A 31 2.06 10.44 -28.71
C ARG A 31 1.59 10.73 -27.28
N TYR A 32 2.12 10.00 -26.29
CA TYR A 32 1.56 9.95 -24.95
C TYR A 32 2.51 10.55 -23.92
N GLU A 33 1.93 11.06 -22.84
CA GLU A 33 2.71 11.50 -21.69
C GLU A 33 1.92 11.22 -20.42
N GLY A 34 2.64 11.17 -19.31
CA GLY A 34 2.01 11.04 -18.00
C GLY A 34 2.80 10.14 -17.07
N TYR A 35 2.28 9.99 -15.86
CA TYR A 35 2.92 9.15 -14.83
C TYR A 35 3.21 7.75 -15.34
N CYS A 36 2.24 7.09 -15.95
CA CYS A 36 2.45 5.71 -16.38
C CYS A 36 3.30 5.62 -17.63
N VAL A 37 3.34 6.67 -18.45
CA VAL A 37 4.26 6.71 -19.57
C VAL A 37 5.69 6.74 -19.08
N ASP A 38 5.96 7.62 -18.09
CA ASP A 38 7.29 7.68 -17.50
C ASP A 38 7.61 6.36 -16.77
N LEU A 39 6.63 5.80 -16.05
CA LEU A 39 6.87 4.55 -15.34
C LEU A 39 7.21 3.44 -16.32
N ALA A 40 6.48 3.38 -17.44
CA ALA A 40 6.79 2.35 -18.44
C ALA A 40 8.23 2.47 -18.93
N ALA A 41 8.67 3.71 -19.20
CA ALA A 41 10.06 3.89 -19.63
C ALA A 41 11.05 3.43 -18.58
N GLU A 42 10.78 3.70 -17.29
CA GLU A 42 11.70 3.31 -16.24
CA GLU A 42 11.70 3.31 -16.24
C GLU A 42 11.73 1.80 -16.06
N ILE A 43 10.56 1.16 -16.10
CA ILE A 43 10.50 -0.30 -15.98
CA ILE A 43 10.52 -0.30 -15.98
C ILE A 43 11.23 -0.95 -17.15
N ALA A 44 10.96 -0.46 -18.37
CA ALA A 44 11.58 -1.04 -19.56
C ALA A 44 13.10 -0.89 -19.53
N LYS A 45 13.60 0.24 -19.05
CA LYS A 45 15.05 0.42 -18.96
C LYS A 45 15.65 -0.56 -17.97
N HIS A 46 15.03 -0.70 -16.80
CA HIS A 46 15.57 -1.61 -15.78
C HIS A 46 15.53 -3.05 -16.21
N CYS A 47 14.51 -3.44 -16.98
CA CYS A 47 14.32 -4.83 -17.39
C CYS A 47 14.92 -5.13 -18.75
N GLY A 48 15.37 -4.12 -19.47
CA GLY A 48 16.05 -4.31 -20.75
C GLY A 48 15.16 -4.73 -21.89
N PHE A 49 13.99 -4.12 -22.05
CA PHE A 49 13.12 -4.45 -23.17
C PHE A 49 12.63 -3.21 -23.92
N LYS A 50 12.43 -3.42 -25.21
CA LYS A 50 11.72 -2.47 -26.07
C LYS A 50 10.22 -2.70 -25.92
N TYR A 51 9.42 -1.64 -26.13
CA TYR A 51 8.01 -1.74 -25.85
C TYR A 51 7.19 -0.83 -26.75
N LYS A 52 5.92 -1.19 -26.89
CA LYS A 52 4.93 -0.44 -27.67
C LYS A 52 3.75 -0.13 -26.76
N LEU A 53 3.48 1.16 -26.53
CA LEU A 53 2.30 1.57 -25.78
C LEU A 53 1.06 1.45 -26.66
N THR A 54 0.02 0.84 -26.12
CA THR A 54 -1.26 0.69 -26.80
C THR A 54 -2.35 1.07 -25.83
N ILE A 55 -3.36 1.76 -26.29
CA ILE A 55 -4.51 2.12 -25.46
C ILE A 55 -5.55 1.02 -25.59
N VAL A 56 -6.01 0.53 -24.44
CA VAL A 56 -6.97 -0.56 -24.37
C VAL A 56 -8.16 -0.28 -25.27
N GLY A 57 -8.51 -1.25 -26.11
CA GLY A 57 -9.50 -1.01 -27.15
C GLY A 57 -10.87 -0.61 -26.63
N ASP A 58 -11.33 -1.27 -25.57
CA ASP A 58 -12.67 -1.00 -25.04
C ASP A 58 -12.71 0.06 -23.94
N GLY A 59 -11.57 0.68 -23.61
CA GLY A 59 -11.53 1.76 -22.64
C GLY A 59 -11.79 1.39 -21.20
N LYS A 60 -11.68 0.11 -20.84
CA LYS A 60 -12.00 -0.39 -19.51
C LYS A 60 -10.78 -0.89 -18.75
N TYR A 61 -10.92 -0.90 -17.41
CA TYR A 61 -9.91 -1.46 -16.53
C TYR A 61 -9.96 -2.98 -16.58
N GLY A 62 -11.10 -3.56 -16.25
CA GLY A 62 -11.30 -4.97 -16.47
C GLY A 62 -12.12 -5.68 -15.42
N ALA A 63 -13.14 -6.37 -15.88
CA ALA A 63 -14.01 -7.20 -15.07
C ALA A 63 -14.44 -8.40 -15.91
N ARG A 64 -14.94 -9.41 -15.22
CA ARG A 64 -15.41 -10.60 -15.90
C ARG A 64 -16.90 -10.47 -16.11
N ASP A 65 -17.31 -10.43 -17.37
CA ASP A 65 -18.70 -10.20 -17.71
C ASP A 65 -19.55 -11.30 -17.08
N ALA A 66 -20.61 -10.88 -16.38
CA ALA A 66 -21.40 -11.84 -15.60
C ALA A 66 -22.04 -12.89 -16.50
N ASP A 67 -22.47 -12.49 -17.70
CA ASP A 67 -23.14 -13.43 -18.60
C ASP A 67 -22.13 -14.27 -19.37
N THR A 68 -21.32 -13.62 -20.20
CA THR A 68 -20.43 -14.33 -21.11
C THR A 68 -19.21 -14.92 -20.42
N LYS A 69 -18.88 -14.48 -19.20
CA LYS A 69 -17.71 -14.98 -18.45
C LYS A 69 -16.38 -14.55 -19.07
N ILE A 70 -16.43 -13.60 -19.99
CA ILE A 70 -15.26 -13.10 -20.71
C ILE A 70 -14.75 -11.86 -19.98
N TRP A 71 -13.45 -11.83 -19.73
CA TRP A 71 -12.82 -10.64 -19.16
C TRP A 71 -12.69 -9.54 -20.21
N ASN A 72 -13.01 -8.31 -19.80
CA ASN A 72 -12.88 -7.14 -20.66
C ASN A 72 -11.70 -6.29 -20.18
N GLY A 73 -11.53 -5.13 -20.81
CA GLY A 73 -10.52 -4.17 -20.38
C GLY A 73 -9.09 -4.66 -20.53
N MET A 74 -8.20 -3.98 -19.80
CA MET A 74 -6.80 -4.32 -19.79
C MET A 74 -6.59 -5.73 -19.28
N VAL A 75 -7.37 -6.14 -18.29
CA VAL A 75 -7.25 -7.51 -17.77
C VAL A 75 -7.52 -8.49 -18.90
N GLY A 76 -8.59 -8.26 -19.67
CA GLY A 76 -8.87 -9.13 -20.81
C GLY A 76 -7.74 -9.15 -21.83
N GLU A 77 -7.13 -8.00 -22.10
CA GLU A 77 -6.01 -7.97 -23.06
CA GLU A 77 -6.05 -8.02 -23.09
C GLU A 77 -4.88 -8.90 -22.63
N LEU A 78 -4.61 -8.96 -21.33
CA LEU A 78 -3.61 -9.89 -20.81
C LEU A 78 -4.10 -11.33 -20.87
N VAL A 79 -5.33 -11.57 -20.41
CA VAL A 79 -5.86 -12.93 -20.32
C VAL A 79 -5.89 -13.61 -21.69
N TYR A 80 -6.28 -12.89 -22.73
CA TYR A 80 -6.48 -13.47 -24.07
C TYR A 80 -5.24 -13.32 -24.95
N GLY A 81 -4.14 -12.80 -24.42
CA GLY A 81 -2.87 -12.80 -25.15
C GLY A 81 -2.66 -11.63 -26.10
N LYS A 82 -3.43 -10.55 -25.96
CA LYS A 82 -3.29 -9.40 -26.85
C LYS A 82 -2.24 -8.42 -26.38
N ALA A 83 -1.90 -8.41 -25.10
CA ALA A 83 -0.84 -7.59 -24.55
C ALA A 83 0.04 -8.42 -23.64
N ASP A 84 1.28 -7.96 -23.47
CA ASP A 84 2.28 -8.62 -22.65
C ASP A 84 2.38 -8.06 -21.24
N ILE A 85 1.92 -6.83 -21.01
CA ILE A 85 2.01 -6.18 -19.71
C ILE A 85 0.98 -5.06 -19.70
N ALA A 86 0.48 -4.72 -18.52
CA ALA A 86 -0.39 -3.57 -18.32
C ALA A 86 0.28 -2.63 -17.34
N ILE A 87 0.43 -1.36 -17.73
CA ILE A 87 1.07 -0.34 -16.91
C ILE A 87 0.09 0.82 -16.86
N ALA A 88 -0.67 0.89 -15.76
CA ALA A 88 -1.85 1.70 -15.65
C ALA A 88 -2.25 1.81 -14.19
N PRO A 89 -3.20 2.70 -13.84
CA PRO A 89 -3.70 2.73 -12.43
C PRO A 89 -4.72 1.61 -12.23
N LEU A 90 -4.21 0.38 -12.27
CA LEU A 90 -4.97 -0.85 -12.23
C LEU A 90 -4.85 -1.44 -10.82
N THR A 91 -5.98 -1.58 -10.15
CA THR A 91 -6.00 -2.00 -8.75
C THR A 91 -5.78 -3.50 -8.63
N ILE A 92 -4.89 -3.87 -7.69
CA ILE A 92 -4.67 -5.27 -7.33
C ILE A 92 -5.86 -5.75 -6.52
N THR A 93 -6.58 -6.74 -7.05
CA THR A 93 -7.74 -7.31 -6.39
C THR A 93 -7.67 -8.83 -6.46
N LEU A 94 -8.45 -9.46 -5.59
CA LEU A 94 -8.51 -10.91 -5.54
C LEU A 94 -8.92 -11.53 -6.87
N VAL A 95 -10.04 -11.05 -7.44
CA VAL A 95 -10.54 -11.69 -8.65
C VAL A 95 -9.55 -11.52 -9.79
N ARG A 96 -8.84 -10.39 -9.86
CA ARG A 96 -7.83 -10.22 -10.89
C ARG A 96 -6.58 -11.05 -10.62
N GLU A 97 -6.15 -11.10 -9.35
CA GLU A 97 -4.98 -11.89 -8.98
C GLU A 97 -5.15 -13.35 -9.34
N GLU A 98 -6.39 -13.85 -9.35
CA GLU A 98 -6.63 -15.25 -9.75
C GLU A 98 -6.36 -15.52 -11.22
N VAL A 99 -6.36 -14.50 -12.08
CA VAL A 99 -6.23 -14.71 -13.51
C VAL A 99 -5.00 -14.05 -14.13
N ILE A 100 -4.37 -13.06 -13.49
CA ILE A 100 -3.15 -12.42 -13.98
C ILE A 100 -2.18 -12.28 -12.82
N ASP A 101 -0.92 -12.01 -13.15
CA ASP A 101 0.11 -11.75 -12.16
C ASP A 101 0.22 -10.25 -11.94
N PHE A 102 0.60 -9.86 -10.73
CA PHE A 102 0.81 -8.47 -10.37
C PHE A 102 2.13 -8.28 -9.63
N SER A 103 2.80 -7.16 -9.91
CA SER A 103 3.91 -6.72 -9.10
C SER A 103 3.39 -6.31 -7.72
N LYS A 104 4.32 -6.12 -6.79
CA LYS A 104 4.01 -5.37 -5.60
C LYS A 104 3.56 -3.96 -6.01
N PRO A 105 2.80 -3.27 -5.17
CA PRO A 105 2.19 -2.01 -5.63
C PRO A 105 3.21 -0.91 -5.87
N PHE A 106 2.94 -0.10 -6.89
CA PHE A 106 3.71 1.11 -7.15
C PHE A 106 3.05 2.38 -6.62
N MET A 107 1.78 2.30 -6.18
CA MET A 107 1.06 3.41 -5.59
C MET A 107 0.02 2.85 -4.63
N SER A 108 -0.21 3.55 -3.53
CA SER A 108 -1.18 3.19 -2.51
C SER A 108 -2.28 4.24 -2.52
N LEU A 109 -3.54 3.80 -2.40
CA LEU A 109 -4.69 4.70 -2.53
C LEU A 109 -5.94 4.03 -1.95
N GLY A 110 -7.07 4.72 -1.98
CA GLY A 110 -8.32 4.12 -1.60
C GLY A 110 -9.49 4.78 -2.29
N ILE A 111 -10.65 4.11 -2.26
CA ILE A 111 -11.88 4.69 -2.79
C ILE A 111 -12.21 5.92 -1.96
N SER A 112 -12.76 6.94 -2.62
CA SER A 112 -13.06 8.23 -2.01
C SER A 112 -14.31 8.81 -2.65
N ILE A 113 -14.82 9.89 -2.06
CA ILE A 113 -16.04 10.55 -2.50
C ILE A 113 -15.69 11.89 -3.13
N MET A 114 -16.18 12.13 -4.34
CA MET A 114 -16.09 13.42 -5.00
C MET A 114 -17.45 14.06 -4.99
N ILE A 115 -17.52 15.29 -4.49
CA ILE A 115 -18.75 16.10 -4.52
C ILE A 115 -18.51 17.37 -5.31
N LYS A 116 -19.59 17.94 -5.80
CA LYS A 116 -19.55 19.33 -6.20
CA LYS A 116 -19.57 19.34 -6.20
C LYS A 116 -19.49 20.20 -4.94
N LYS A 117 -18.62 21.20 -4.95
CA LYS A 117 -18.44 22.01 -3.74
C LYS A 117 -19.76 22.54 -3.20
N GLY A 118 -19.93 22.40 -1.89
CA GLY A 118 -21.13 22.86 -1.22
C GLY A 118 -22.18 21.78 -1.03
N THR A 119 -21.99 20.63 -1.65
CA THR A 119 -22.92 19.52 -1.45
C THR A 119 -22.91 19.11 0.02
N PRO A 120 -24.11 18.91 0.66
CA PRO A 120 -24.12 18.56 2.08
C PRO A 120 -23.90 17.08 2.35
N ILE A 121 -22.69 16.64 2.05
CA ILE A 121 -22.23 15.26 2.24
C ILE A 121 -20.81 15.32 2.76
N GLU A 122 -20.54 14.60 3.83
CA GLU A 122 -19.20 14.53 4.42
C GLU A 122 -18.65 13.11 4.53
N SER A 123 -19.44 12.09 4.23
CA SER A 123 -18.99 10.72 4.48
C SER A 123 -19.83 9.75 3.65
N ALA A 124 -19.32 8.53 3.57
CA ALA A 124 -20.11 7.46 2.97
C ALA A 124 -21.38 7.20 3.78
N GLU A 125 -21.28 7.23 5.11
CA GLU A 125 -22.49 7.09 5.91
C GLU A 125 -23.55 8.12 5.52
N ASP A 126 -23.13 9.40 5.35
CA ASP A 126 -24.06 10.45 4.89
C ASP A 126 -24.74 10.06 3.59
N LEU A 127 -23.98 9.61 2.59
CA LEU A 127 -24.60 9.20 1.34
C LEU A 127 -25.64 8.13 1.58
N SER A 128 -25.30 7.14 2.39
CA SER A 128 -26.14 5.96 2.57
C SER A 128 -27.47 6.27 3.24
N LYS A 129 -27.58 7.39 3.96
CA LYS A 129 -28.76 7.70 4.77
C LYS A 129 -29.69 8.71 4.11
N GLN A 130 -29.47 9.03 2.84
CA GLN A 130 -30.32 9.98 2.13
C GLN A 130 -30.54 9.48 0.71
N THR A 131 -31.49 10.11 0.02
CA THR A 131 -31.81 9.74 -1.35
C THR A 131 -31.88 10.93 -2.33
N GLU A 132 -31.72 12.16 -1.87
CA GLU A 132 -31.83 13.31 -2.76
C GLU A 132 -30.63 13.36 -3.70
N ILE A 133 -29.47 12.97 -3.21
CA ILE A 133 -28.21 13.05 -3.96
C ILE A 133 -27.86 11.65 -4.44
N ALA A 134 -27.86 11.46 -5.75
CA ALA A 134 -27.53 10.18 -6.35
C ALA A 134 -26.01 9.98 -6.31
N TYR A 135 -25.57 8.72 -6.41
CA TYR A 135 -24.14 8.49 -6.39
C TYR A 135 -23.86 7.15 -7.06
N GLY A 136 -22.67 7.05 -7.65
CA GLY A 136 -22.29 5.83 -8.34
C GLY A 136 -20.80 5.71 -8.53
N THR A 137 -20.43 4.73 -9.35
CA THR A 137 -19.04 4.32 -9.56
C THR A 137 -18.78 4.09 -11.05
N LEU A 138 -17.51 3.92 -11.38
CA LEU A 138 -17.11 3.45 -12.71
C LEU A 138 -17.62 2.02 -12.92
N ASP A 139 -18.02 1.70 -14.15
CA ASP A 139 -18.30 0.31 -14.49
C ASP A 139 -17.01 -0.48 -14.76
N SER A 140 -17.09 -1.80 -14.56
CA SER A 140 -16.09 -2.75 -15.07
C SER A 140 -14.73 -2.65 -14.37
N GLY A 141 -14.77 -2.34 -13.07
CA GLY A 141 -13.54 -2.29 -12.32
C GLY A 141 -13.69 -2.62 -10.84
N SER A 142 -12.64 -2.25 -10.10
CA SER A 142 -12.51 -2.64 -8.71
C SER A 142 -13.46 -1.88 -7.79
N THR A 143 -13.81 -0.62 -8.12
CA THR A 143 -14.68 0.13 -7.21
C THR A 143 -16.08 -0.45 -7.19
N LYS A 144 -16.66 -0.74 -8.36
CA LYS A 144 -17.98 -1.36 -8.39
C LYS A 144 -17.98 -2.69 -7.65
N GLU A 145 -16.97 -3.52 -7.90
CA GLU A 145 -16.90 -4.82 -7.23
C GLU A 145 -16.76 -4.68 -5.74
N PHE A 146 -16.04 -3.65 -5.27
CA PHE A 146 -15.91 -3.43 -3.84
C PHE A 146 -17.28 -3.33 -3.19
N PHE A 147 -18.15 -2.48 -3.74
CA PHE A 147 -19.48 -2.30 -3.15
C PHE A 147 -20.34 -3.54 -3.33
N ARG A 148 -20.26 -4.20 -4.49
CA ARG A 148 -21.06 -5.40 -4.72
CA ARG A 148 -21.04 -5.41 -4.74
C ARG A 148 -20.74 -6.48 -3.72
N ARG A 149 -19.49 -6.59 -3.28
CA ARG A 149 -19.09 -7.70 -2.40
C ARG A 149 -19.07 -7.33 -0.92
N SER A 150 -19.15 -6.05 -0.58
CA SER A 150 -18.92 -5.67 0.80
C SER A 150 -20.12 -6.08 1.66
N LYS A 151 -19.81 -6.58 2.84
CA LYS A 151 -20.82 -6.82 3.87
C LYS A 151 -20.79 -5.78 4.98
N ILE A 152 -19.95 -4.75 4.87
CA ILE A 152 -19.98 -3.65 5.81
C ILE A 152 -21.31 -2.93 5.65
N ALA A 153 -22.00 -2.68 6.77
CA ALA A 153 -23.38 -2.19 6.68
C ALA A 153 -23.52 -0.99 5.76
N VAL A 154 -22.70 0.05 5.95
CA VAL A 154 -22.85 1.26 5.15
C VAL A 154 -22.63 0.98 3.67
N PHE A 155 -21.62 0.19 3.34
CA PHE A 155 -21.30 -0.08 1.95
C PHE A 155 -22.32 -1.01 1.30
N ASP A 156 -22.83 -1.99 2.06
CA ASP A 156 -23.91 -2.83 1.57
CA ASP A 156 -23.92 -2.85 1.59
C ASP A 156 -25.17 -2.01 1.29
N LYS A 157 -25.47 -1.04 2.15
CA LYS A 157 -26.64 -0.19 1.92
C LYS A 157 -26.44 0.66 0.67
N MET A 158 -25.22 1.15 0.45
CA MET A 158 -24.92 1.91 -0.76
C MET A 158 -25.07 1.04 -2.00
N TRP A 159 -24.56 -0.20 -1.94
CA TRP A 159 -24.69 -1.11 -3.08
C TRP A 159 -26.16 -1.41 -3.39
N THR A 160 -26.97 -1.66 -2.36
CA THR A 160 -28.39 -1.96 -2.59
C THR A 160 -29.08 -0.79 -3.29
N TYR A 161 -28.70 0.43 -2.95
CA TYR A 161 -29.23 1.60 -3.65
C TYR A 161 -28.66 1.69 -5.07
N MET A 162 -27.34 1.62 -5.22
CA MET A 162 -26.74 1.89 -6.51
C MET A 162 -27.16 0.89 -7.58
N ARG A 163 -27.28 -0.38 -7.21
CA ARG A 163 -27.53 -1.41 -8.19
C ARG A 163 -28.90 -1.27 -8.85
N SER A 164 -29.86 -0.61 -8.21
CA SER A 164 -31.20 -0.45 -8.77
CA SER A 164 -31.19 -0.46 -8.78
C SER A 164 -31.56 0.99 -9.09
N ALA A 165 -30.63 1.93 -8.97
CA ALA A 165 -30.96 3.33 -9.21
C ALA A 165 -31.27 3.58 -10.68
N GLU A 166 -32.20 4.49 -10.91
CA GLU A 166 -32.65 4.84 -12.25
C GLU A 166 -32.81 6.35 -12.33
N PRO A 167 -32.18 7.01 -13.31
CA PRO A 167 -31.27 6.47 -14.32
C PRO A 167 -30.04 5.84 -13.66
N SER A 168 -29.36 5.00 -14.41
CA SER A 168 -28.18 4.32 -13.89
C SER A 168 -27.21 5.32 -13.32
N VAL A 169 -26.58 4.95 -12.21
CA VAL A 169 -25.55 5.77 -11.59
C VAL A 169 -24.14 5.32 -11.98
N PHE A 170 -24.01 4.27 -12.77
CA PHE A 170 -22.70 3.77 -13.15
C PHE A 170 -22.27 4.41 -14.46
N VAL A 171 -20.99 4.78 -14.55
CA VAL A 171 -20.46 5.56 -15.66
C VAL A 171 -19.42 4.73 -16.41
N ARG A 172 -19.21 5.07 -17.66
CA ARG A 172 -18.33 4.29 -18.54
C ARG A 172 -16.86 4.66 -18.37
N THR A 173 -16.58 5.93 -18.02
CA THR A 173 -15.22 6.44 -17.84
C THR A 173 -15.23 7.41 -16.68
N THR A 174 -14.03 7.58 -16.09
CA THR A 174 -13.88 8.55 -14.99
C THR A 174 -14.35 9.92 -15.42
N ALA A 175 -14.02 10.32 -16.66
CA ALA A 175 -14.42 11.63 -17.17
C ALA A 175 -15.94 11.79 -17.17
N GLU A 176 -16.68 10.73 -17.53
CA GLU A 176 -18.14 10.81 -17.51
C GLU A 176 -18.64 11.06 -16.09
N GLY A 177 -18.05 10.38 -15.11
CA GLY A 177 -18.48 10.58 -13.72
C GLY A 177 -18.20 11.98 -13.24
N VAL A 178 -17.01 12.50 -13.51
CA VAL A 178 -16.65 13.87 -13.11
C VAL A 178 -17.57 14.87 -13.80
N ALA A 179 -17.79 14.72 -15.11
CA ALA A 179 -18.70 15.64 -15.81
C ALA A 179 -20.09 15.60 -15.19
N ARG A 180 -20.55 14.42 -14.78
CA ARG A 180 -21.86 14.27 -14.16
C ARG A 180 -21.92 14.97 -12.81
N VAL A 181 -20.85 14.88 -12.00
CA VAL A 181 -20.79 15.69 -10.77
C VAL A 181 -20.94 17.17 -11.10
N ARG A 182 -20.16 17.65 -12.06
CA ARG A 182 -20.13 19.07 -12.35
C ARG A 182 -21.47 19.59 -12.87
N LYS A 183 -22.20 18.78 -13.63
CA LYS A 183 -23.41 19.22 -14.31
C LYS A 183 -24.69 18.95 -13.53
N SER A 184 -24.62 18.22 -12.42
CA SER A 184 -25.81 17.77 -11.72
C SER A 184 -26.20 18.68 -10.56
N LYS A 185 -25.54 19.84 -10.43
CA LYS A 185 -25.93 20.88 -9.47
C LYS A 185 -25.95 20.36 -8.02
N GLY A 186 -25.02 19.47 -7.71
CA GLY A 186 -24.94 18.92 -6.38
C GLY A 186 -25.73 17.64 -6.17
N LYS A 187 -26.42 17.14 -7.18
CA LYS A 187 -27.31 15.99 -7.03
C LYS A 187 -26.67 14.68 -7.50
N TYR A 188 -25.41 14.71 -7.87
CA TYR A 188 -24.66 13.49 -8.14
C TYR A 188 -23.32 13.61 -7.44
N ALA A 189 -22.93 12.55 -6.73
CA ALA A 189 -21.60 12.42 -6.15
C ALA A 189 -20.98 11.17 -6.76
N TYR A 190 -19.65 11.17 -6.89
CA TYR A 190 -18.95 10.13 -7.62
C TYR A 190 -17.93 9.45 -6.71
N LEU A 191 -17.93 8.12 -6.74
CA LEU A 191 -17.01 7.29 -5.96
C LEU A 191 -15.87 6.87 -6.86
N LEU A 192 -14.65 7.32 -6.55
CA LEU A 192 -13.48 7.07 -7.38
C LEU A 192 -12.25 7.08 -6.48
N GLU A 193 -11.15 6.54 -6.98
CA GLU A 193 -9.96 6.46 -6.15
C GLU A 193 -9.36 7.82 -5.82
N SER A 194 -8.71 7.87 -4.65
CA SER A 194 -8.29 9.12 -4.03
C SER A 194 -7.32 9.95 -4.88
N THR A 195 -6.32 9.34 -5.50
CA THR A 195 -5.29 10.15 -6.16
C THR A 195 -5.88 10.93 -7.32
N MET A 196 -6.83 10.33 -8.03
CA MET A 196 -7.53 11.01 -9.11
C MET A 196 -8.39 12.14 -8.58
N ASN A 197 -9.17 11.85 -7.55
CA ASN A 197 -10.00 12.87 -6.91
C ASN A 197 -9.16 14.09 -6.53
N GLU A 198 -7.98 13.85 -5.92
CA GLU A 198 -7.10 14.93 -5.50
C GLU A 198 -6.58 15.74 -6.69
N TYR A 199 -6.22 15.06 -7.79
CA TYR A 199 -5.74 15.77 -8.97
C TYR A 199 -6.80 16.73 -9.49
N ILE A 200 -8.02 16.23 -9.59
CA ILE A 200 -9.12 17.01 -10.16
C ILE A 200 -9.47 18.20 -9.26
N GLU A 201 -9.41 18.02 -7.94
CA GLU A 201 -9.78 19.09 -7.00
C GLU A 201 -8.87 20.30 -7.15
N GLN A 202 -7.62 20.11 -7.52
CA GLN A 202 -6.67 21.21 -7.58
CA GLN A 202 -6.65 21.20 -7.59
C GLN A 202 -6.64 21.91 -8.94
N ARG A 203 -7.56 21.57 -9.84
N ARG A 203 -7.56 21.58 -9.83
CA ARG A 203 -7.55 22.08 -11.21
CA ARG A 203 -7.53 22.13 -11.19
C ARG A 203 -8.89 22.74 -11.55
C ARG A 203 -8.88 22.70 -11.59
N LYS A 204 -8.82 23.67 -12.50
CA LYS A 204 -10.01 24.32 -13.03
C LYS A 204 -10.98 23.29 -13.58
N PRO A 205 -12.31 23.54 -13.46
CA PRO A 205 -12.97 24.73 -12.92
C PRO A 205 -13.10 24.83 -11.39
N CYS A 206 -12.35 24.03 -10.62
CA CYS A 206 -12.23 24.24 -9.17
C CYS A 206 -13.58 24.11 -8.46
N ASP A 207 -14.43 23.21 -8.93
CA ASP A 207 -15.77 23.05 -8.40
C ASP A 207 -16.04 21.70 -7.76
N THR A 208 -15.03 20.84 -7.63
CA THR A 208 -15.20 19.55 -6.98
C THR A 208 -14.27 19.45 -5.79
N MET A 209 -14.59 18.54 -4.87
CA MET A 209 -13.66 18.26 -3.79
C MET A 209 -13.85 16.84 -3.28
N LYS A 210 -12.78 16.36 -2.67
CA LYS A 210 -12.77 15.09 -1.95
C LYS A 210 -13.29 15.30 -0.55
N VAL A 211 -14.22 14.46 -0.10
CA VAL A 211 -14.74 14.57 1.26
C VAL A 211 -14.65 13.23 1.97
N GLY A 212 -14.38 13.27 3.27
CA GLY A 212 -14.34 12.07 4.06
C GLY A 212 -13.02 11.33 3.92
N GLY A 213 -12.88 10.30 4.72
CA GLY A 213 -11.70 9.47 4.65
C GLY A 213 -11.83 8.47 3.54
N ASN A 214 -10.70 7.87 3.20
CA ASN A 214 -10.78 6.83 2.19
C ASN A 214 -11.57 5.66 2.75
N LEU A 215 -12.30 4.95 1.89
CA LEU A 215 -13.15 3.86 2.34
C LEU A 215 -12.39 2.56 2.50
N ASP A 216 -11.23 2.44 1.87
CA ASP A 216 -10.41 1.25 1.89
C ASP A 216 -8.96 1.69 1.62
N SER A 217 -8.06 0.70 1.62
CA SER A 217 -6.63 0.89 1.43
C SER A 217 -6.17 -0.22 0.51
N LYS A 218 -5.68 0.15 -0.67
CA LYS A 218 -5.20 -0.83 -1.62
C LYS A 218 -4.14 -0.20 -2.51
N GLY A 219 -3.77 -0.91 -3.57
CA GLY A 219 -2.64 -0.51 -4.37
C GLY A 219 -2.82 -0.82 -5.84
N TYR A 220 -2.08 -0.07 -6.67
CA TYR A 220 -1.96 -0.35 -8.09
C TYR A 220 -0.73 -1.19 -8.32
N GLY A 221 -0.85 -2.17 -9.23
CA GLY A 221 0.26 -3.01 -9.58
C GLY A 221 0.41 -3.11 -11.08
N ILE A 222 1.63 -3.42 -11.50
CA ILE A 222 1.90 -3.72 -12.91
CA ILE A 222 1.93 -3.73 -12.90
C ILE A 222 1.51 -5.17 -13.14
N ALA A 223 0.70 -5.42 -14.17
CA ALA A 223 0.15 -6.75 -14.40
C ALA A 223 0.75 -7.40 -15.62
N THR A 224 0.90 -8.71 -15.55
CA THR A 224 1.39 -9.54 -16.63
C THR A 224 0.50 -10.76 -16.74
N PRO A 225 0.53 -11.44 -17.89
CA PRO A 225 -0.22 -12.69 -17.98
C PRO A 225 0.31 -13.68 -16.95
N LYS A 226 -0.57 -14.53 -16.44
CA LYS A 226 -0.20 -15.47 -15.39
C LYS A 226 0.95 -16.35 -15.88
N GLY A 227 2.02 -16.39 -15.10
CA GLY A 227 3.19 -17.17 -15.46
C GLY A 227 4.17 -16.52 -16.41
N SER A 228 3.92 -15.30 -16.84
CA SER A 228 4.84 -14.67 -17.76
C SER A 228 6.23 -14.55 -17.15
N SER A 229 7.24 -14.76 -17.99
CA SER A 229 8.63 -14.63 -17.58
C SER A 229 9.02 -13.20 -17.24
N LEU A 230 8.23 -12.20 -17.66
CA LEU A 230 8.54 -10.81 -17.36
C LEU A 230 8.26 -10.42 -15.92
N GLY A 231 7.38 -11.15 -15.25
CA GLY A 231 6.88 -10.70 -13.96
C GLY A 231 7.96 -10.49 -12.92
N ASN A 232 8.92 -11.40 -12.84
CA ASN A 232 9.90 -11.31 -11.76
C ASN A 232 10.73 -10.03 -11.87
N ALA A 233 11.25 -9.74 -13.07
CA ALA A 233 12.07 -8.56 -13.25
C ALA A 233 11.25 -7.28 -13.06
N VAL A 234 10.01 -7.26 -13.54
CA VAL A 234 9.15 -6.11 -13.36
C VAL A 234 8.95 -5.82 -11.87
N ASN A 235 8.66 -6.87 -11.10
CA ASN A 235 8.47 -6.69 -9.66
C ASN A 235 9.71 -6.10 -9.01
N LEU A 236 10.89 -6.67 -9.30
CA LEU A 236 12.10 -6.12 -8.70
C LEU A 236 12.32 -4.67 -9.10
N ALA A 237 11.98 -4.32 -10.35
CA ALA A 237 12.12 -2.95 -10.81
C ALA A 237 11.21 -2.00 -10.05
N VAL A 238 9.95 -2.40 -9.80
CA VAL A 238 9.05 -1.56 -9.00
C VAL A 238 9.66 -1.32 -7.62
N LEU A 239 10.15 -2.38 -6.98
CA LEU A 239 10.71 -2.20 -5.64
C LEU A 239 11.94 -1.29 -5.66
N LYS A 240 12.80 -1.43 -6.68
CA LYS A 240 14.00 -0.59 -6.77
C LYS A 240 13.61 0.88 -6.98
N LEU A 241 12.66 1.12 -7.89
CA LEU A 241 12.23 2.48 -8.17
C LEU A 241 11.61 3.10 -6.93
N ASN A 242 10.84 2.32 -6.16
CA ASN A 242 10.30 2.87 -4.93
C ASN A 242 11.43 3.24 -3.96
N GLU A 243 12.39 2.35 -3.78
CA GLU A 243 13.44 2.59 -2.81
C GLU A 243 14.39 3.70 -3.22
N GLN A 244 14.51 3.98 -4.53
CA GLN A 244 15.30 5.10 -5.01
C GLN A 244 14.57 6.43 -4.90
N GLY A 245 13.29 6.42 -4.49
CA GLY A 245 12.55 7.65 -4.44
C GLY A 245 11.94 8.06 -5.74
N LEU A 246 12.08 7.25 -6.78
CA LEU A 246 11.65 7.69 -8.10
C LEU A 246 10.13 7.67 -8.26
N LEU A 247 9.43 6.77 -7.59
CA LEU A 247 7.97 6.79 -7.65
C LEU A 247 7.43 8.04 -6.98
N ASP A 248 8.03 8.47 -5.88
CA ASP A 248 7.60 9.70 -5.23
C ASP A 248 7.90 10.89 -6.14
N LYS A 249 9.05 10.89 -6.81
CA LYS A 249 9.37 11.96 -7.75
C LYS A 249 8.33 12.03 -8.86
N LEU A 250 7.94 10.87 -9.39
CA LEU A 250 6.95 10.87 -10.48
C LEU A 250 5.59 11.39 -10.00
N LYS A 251 5.17 10.98 -8.82
CA LYS A 251 3.91 11.50 -8.27
C LYS A 251 3.98 13.00 -8.12
N ASN A 252 5.08 13.51 -7.57
CA ASN A 252 5.18 14.94 -7.33
C ASN A 252 5.23 15.74 -8.63
N LYS A 253 5.81 15.18 -9.68
CA LYS A 253 5.83 15.83 -10.99
C LYS A 253 4.42 15.90 -11.60
N TRP A 254 3.72 14.76 -11.65
CA TRP A 254 2.46 14.72 -12.39
C TRP A 254 1.31 15.28 -11.60
N TRP A 255 1.43 15.40 -10.28
CA TRP A 255 0.44 16.07 -9.47
C TRP A 255 0.87 17.49 -9.10
N TYR A 256 1.90 18.02 -9.74
CA TYR A 256 2.40 19.35 -9.42
C TYR A 256 1.29 20.39 -9.51
N ASP A 257 1.18 21.22 -8.47
CA ASP A 257 0.09 22.20 -8.34
C ASP A 257 0.61 23.55 -8.81
N LYS A 258 0.17 23.98 -9.98
CA LYS A 258 0.53 25.28 -10.55
C LYS A 258 -0.39 26.39 -10.08
N GLY A 259 -1.32 26.11 -9.18
CA GLY A 259 -2.15 27.17 -8.65
C GLY A 259 -3.36 27.51 -9.49
N GLU A 260 -3.95 26.52 -10.18
CA GLU A 260 -5.16 26.78 -10.94
C GLU A 260 -6.31 27.21 -10.03
N CYS A 261 -6.33 26.72 -8.80
CA CYS A 261 -7.38 27.03 -7.82
C CYS A 261 -6.71 27.69 -6.62
N GLY A 262 -6.98 28.97 -6.40
CA GLY A 262 -6.39 29.65 -5.27
C GLY A 262 -4.92 29.99 -5.44
N SER A 263 -4.20 29.98 -4.32
CA SER A 263 -2.85 30.50 -4.28
C SER A 263 -1.80 29.62 -4.95
N GLY A 264 -2.02 28.31 -5.03
CA GLY A 264 -0.94 27.42 -5.40
C GLY A 264 0.11 27.36 -4.31
N GLY B 1 3.22 -35.19 1.20
CA GLY B 1 2.99 -36.05 2.39
C GLY B 1 1.84 -35.56 3.24
N ALA B 2 1.65 -36.22 4.38
CA ALA B 2 0.58 -35.85 5.30
C ALA B 2 0.75 -34.41 5.75
N ASN B 3 -0.35 -33.80 6.13
CA ASN B 3 -0.31 -32.44 6.67
C ASN B 3 0.61 -32.39 7.87
N LYS B 4 1.46 -31.36 7.92
CA LYS B 4 2.28 -31.06 9.07
C LYS B 4 1.90 -29.68 9.58
N THR B 5 2.11 -29.48 10.87
CA THR B 5 1.91 -28.18 11.46
C THR B 5 2.90 -27.19 10.86
N VAL B 6 2.37 -26.06 10.41
CA VAL B 6 3.14 -24.99 9.81
C VAL B 6 3.80 -24.18 10.92
N VAL B 7 5.12 -24.01 10.85
CA VAL B 7 5.88 -23.25 11.82
C VAL B 7 5.85 -21.79 11.39
N VAL B 8 5.24 -20.96 12.22
CA VAL B 8 5.10 -19.53 11.96
C VAL B 8 6.14 -18.78 12.78
N THR B 9 7.09 -18.10 12.14
CA THR B 9 7.97 -17.19 12.87
C THR B 9 7.28 -15.82 13.00
N THR B 10 7.42 -15.20 14.17
CA THR B 10 6.88 -13.89 14.44
C THR B 10 7.74 -13.24 15.52
N ILE B 11 7.39 -12.03 15.91
CA ILE B 11 8.23 -11.23 16.79
C ILE B 11 7.35 -10.65 17.89
N LEU B 12 7.90 -10.60 19.11
CA LEU B 12 7.17 -10.06 20.24
C LEU B 12 7.24 -8.55 20.14
N GLU B 13 6.18 -7.96 19.61
CA GLU B 13 6.13 -6.54 19.25
C GLU B 13 4.67 -6.13 19.43
N SER B 14 4.38 -5.32 20.44
CA SER B 14 2.99 -4.92 20.65
C SER B 14 2.58 -3.92 19.57
N PRO B 15 1.34 -3.97 19.05
CA PRO B 15 0.24 -4.88 19.41
C PRO B 15 0.13 -6.08 18.51
N TYR B 16 1.17 -6.33 17.72
CA TYR B 16 1.15 -7.43 16.77
C TYR B 16 1.15 -8.79 17.48
N VAL B 17 2.08 -9.00 18.41
CA VAL B 17 2.11 -10.19 19.24
C VAL B 17 2.52 -9.76 20.63
N MET B 18 1.73 -10.17 21.60
CA MET B 18 1.91 -9.82 23.00
C MET B 18 1.60 -11.02 23.88
N MET B 19 2.22 -11.05 25.05
CA MET B 19 1.94 -12.13 25.99
C MET B 19 0.59 -11.88 26.62
N LYS B 20 -0.29 -12.88 26.57
CA LYS B 20 -1.57 -12.80 27.23
C LYS B 20 -1.37 -12.75 28.75
N LYS B 21 -2.29 -12.06 29.41
N LYS B 21 -2.32 -12.16 29.46
CA LYS B 21 -2.45 -12.24 30.83
CA LYS B 21 -2.16 -11.93 30.91
C LYS B 21 -2.76 -13.72 31.08
C LYS B 21 -1.69 -13.18 31.67
N ASN B 22 -2.07 -14.30 32.05
N ASN B 22 -2.38 -14.30 31.47
CA ASN B 22 -2.09 -15.74 32.35
CA ASN B 22 -2.14 -15.53 32.22
C ASN B 22 -1.17 -16.56 31.46
C ASN B 22 -1.17 -16.47 31.51
N HIS B 23 -0.33 -15.93 30.63
CA HIS B 23 0.59 -16.71 29.81
C HIS B 23 1.40 -17.71 30.61
N GLU B 24 1.72 -17.41 31.87
CA GLU B 24 2.56 -18.28 32.70
C GLU B 24 1.94 -19.65 32.92
N MET B 25 0.64 -19.81 32.72
CA MET B 25 -0.02 -21.11 32.84
CA MET B 25 0.01 -21.12 32.84
C MET B 25 -0.66 -21.57 31.54
N LEU B 26 -0.25 -20.99 30.41
CA LEU B 26 -0.74 -21.31 29.08
C LEU B 26 0.37 -21.89 28.22
N GLU B 27 -0.02 -22.66 27.21
CA GLU B 27 0.93 -23.32 26.32
C GLU B 27 0.56 -23.05 24.87
N GLY B 28 1.55 -23.15 24.01
CA GLY B 28 1.29 -23.07 22.58
C GLY B 28 0.77 -21.71 22.17
N ASN B 29 -0.13 -21.71 21.18
CA ASN B 29 -0.61 -20.45 20.62
C ASN B 29 -1.45 -19.65 21.61
N GLU B 30 -2.00 -20.32 22.63
CA GLU B 30 -2.82 -19.65 23.63
C GLU B 30 -2.03 -18.66 24.48
N ARG B 31 -0.71 -18.71 24.44
CA ARG B 31 0.12 -17.78 25.20
C ARG B 31 0.04 -16.35 24.69
N TYR B 32 -0.40 -16.14 23.43
CA TYR B 32 -0.21 -14.87 22.73
C TYR B 32 -1.53 -14.28 22.31
N GLU B 33 -1.52 -12.95 22.14
CA GLU B 33 -2.64 -12.23 21.53
C GLU B 33 -2.09 -11.06 20.73
N GLY B 34 -2.94 -10.54 19.83
CA GLY B 34 -2.56 -9.36 19.10
C GLY B 34 -2.99 -9.40 17.65
N TYR B 35 -2.67 -8.33 16.93
CA TYR B 35 -3.05 -8.18 15.52
C TYR B 35 -2.56 -9.36 14.69
N CYS B 36 -1.28 -9.75 14.85
CA CYS B 36 -0.75 -10.83 14.03
C CYS B 36 -1.16 -12.21 14.53
N VAL B 37 -1.53 -12.34 15.80
CA VAL B 37 -2.16 -13.57 16.28
C VAL B 37 -3.50 -13.78 15.60
N ASP B 38 -4.33 -12.73 15.58
CA ASP B 38 -5.60 -12.77 14.88
C ASP B 38 -5.41 -13.01 13.38
N LEU B 39 -4.43 -12.31 12.77
CA LEU B 39 -4.21 -12.47 11.34
C LEU B 39 -3.77 -13.89 11.00
N ALA B 40 -2.86 -14.46 11.80
CA ALA B 40 -2.44 -15.84 11.59
C ALA B 40 -3.63 -16.79 11.62
N ALA B 41 -4.54 -16.62 12.61
CA ALA B 41 -5.71 -17.48 12.67
C ALA B 41 -6.57 -17.37 11.41
N GLU B 42 -6.76 -16.14 10.92
CA GLU B 42 -7.57 -15.95 9.70
C GLU B 42 -6.89 -16.54 8.49
N ILE B 43 -5.58 -16.32 8.32
CA ILE B 43 -4.89 -16.89 7.17
CA ILE B 43 -4.87 -16.89 7.19
C ILE B 43 -4.96 -18.40 7.21
N ALA B 44 -4.72 -19.00 8.39
CA ALA B 44 -4.72 -20.45 8.50
C ALA B 44 -6.09 -21.02 8.21
N LYS B 45 -7.15 -20.35 8.66
CA LYS B 45 -8.50 -20.82 8.39
C LYS B 45 -8.78 -20.81 6.88
N HIS B 46 -8.40 -19.73 6.20
CA HIS B 46 -8.69 -19.62 4.79
C HIS B 46 -7.84 -20.57 3.97
N CYS B 47 -6.63 -20.87 4.41
CA CYS B 47 -5.73 -21.73 3.66
C CYS B 47 -5.80 -23.20 4.06
N GLY B 48 -6.47 -23.50 5.16
CA GLY B 48 -6.62 -24.88 5.61
C GLY B 48 -5.38 -25.50 6.19
N PHE B 49 -4.67 -24.80 7.10
CA PHE B 49 -3.52 -25.39 7.76
C PHE B 49 -3.58 -25.17 9.25
N LYS B 50 -2.94 -26.08 9.97
CA LYS B 50 -2.66 -25.95 11.39
C LYS B 50 -1.27 -25.36 11.55
N TYR B 51 -1.04 -24.65 12.66
CA TYR B 51 0.20 -23.89 12.78
C TYR B 51 0.60 -23.72 14.23
N LYS B 52 1.87 -23.41 14.41
CA LYS B 52 2.46 -23.11 15.71
C LYS B 52 3.20 -21.78 15.63
N LEU B 53 2.77 -20.82 16.45
CA LEU B 53 3.48 -19.55 16.56
C LEU B 53 4.78 -19.75 17.35
N THR B 54 5.88 -19.24 16.81
CA THR B 54 7.20 -19.34 17.43
CA THR B 54 7.18 -19.33 17.44
C THR B 54 7.86 -17.97 17.36
N ILE B 55 8.32 -17.46 18.46
CA ILE B 55 8.97 -16.16 18.49
C ILE B 55 10.39 -16.30 17.98
N VAL B 56 10.77 -15.43 17.03
CA VAL B 56 12.11 -15.46 16.45
C VAL B 56 13.16 -15.44 17.54
N GLY B 57 14.12 -16.37 17.45
CA GLY B 57 15.07 -16.56 18.53
C GLY B 57 15.92 -15.35 18.84
N ASP B 58 16.37 -14.63 17.81
CA ASP B 58 17.25 -13.48 18.01
C ASP B 58 16.51 -12.15 18.15
N GLY B 59 15.17 -12.16 18.12
CA GLY B 59 14.41 -10.94 18.34
C GLY B 59 14.46 -9.92 17.23
N LYS B 60 14.91 -10.29 16.04
CA LYS B 60 15.19 -9.34 14.96
C LYS B 60 14.26 -9.54 13.78
N TYR B 61 14.07 -8.45 13.02
CA TYR B 61 13.30 -8.50 11.78
C TYR B 61 14.08 -9.22 10.69
N GLY B 62 15.25 -8.69 10.35
CA GLY B 62 16.14 -9.42 9.46
C GLY B 62 16.98 -8.56 8.55
N ALA B 63 18.30 -8.78 8.61
CA ALA B 63 19.27 -8.07 7.80
C ALA B 63 20.38 -9.06 7.45
N ARG B 64 21.11 -8.76 6.38
CA ARG B 64 22.18 -9.62 5.92
C ARG B 64 23.51 -9.02 6.35
N ASP B 65 24.33 -9.82 7.02
CA ASP B 65 25.66 -9.34 7.41
C ASP B 65 26.50 -9.07 6.17
N ALA B 66 27.09 -7.87 6.12
CA ALA B 66 27.85 -7.48 4.93
C ALA B 66 29.07 -8.36 4.72
N ASP B 67 29.67 -8.86 5.80
CA ASP B 67 30.86 -9.69 5.68
C ASP B 67 30.52 -11.15 5.38
N THR B 68 29.74 -11.77 6.27
CA THR B 68 29.44 -13.20 6.14
C THR B 68 28.34 -13.49 5.15
N LYS B 69 27.48 -12.51 4.85
CA LYS B 69 26.34 -12.70 3.97
C LYS B 69 25.25 -13.57 4.61
N ILE B 70 25.28 -13.71 5.92
CA ILE B 70 24.28 -14.49 6.66
C ILE B 70 23.13 -13.59 7.06
N TRP B 71 21.91 -14.09 6.87
CA TRP B 71 20.69 -13.39 7.26
C TRP B 71 20.32 -13.75 8.68
N ASN B 72 19.91 -12.74 9.43
CA ASN B 72 19.41 -12.91 10.79
C ASN B 72 17.90 -12.67 10.83
N GLY B 73 17.35 -12.73 12.05
CA GLY B 73 15.96 -12.43 12.27
C GLY B 73 14.99 -13.40 11.60
N MET B 74 13.75 -12.92 11.43
CA MET B 74 12.70 -13.72 10.79
C MET B 74 13.07 -14.05 9.36
N VAL B 75 13.73 -13.11 8.66
CA VAL B 75 14.18 -13.43 7.29
C VAL B 75 15.11 -14.63 7.32
N GLY B 76 16.10 -14.63 8.22
CA GLY B 76 16.98 -15.77 8.37
C GLY B 76 16.25 -17.05 8.67
N GLU B 77 15.22 -17.01 9.53
CA GLU B 77 14.48 -18.23 9.85
CA GLU B 77 14.54 -18.27 9.84
C GLU B 77 13.88 -18.87 8.61
N LEU B 78 13.38 -18.04 7.69
CA LEU B 78 12.83 -18.55 6.43
C LEU B 78 13.94 -19.02 5.50
N VAL B 79 14.98 -18.21 5.34
CA VAL B 79 16.07 -18.52 4.41
C VAL B 79 16.73 -19.85 4.75
N TYR B 80 16.94 -20.13 6.04
CA TYR B 80 17.66 -21.32 6.49
C TYR B 80 16.73 -22.48 6.82
N GLY B 81 15.43 -22.35 6.56
CA GLY B 81 14.52 -23.48 6.69
C GLY B 81 14.04 -23.77 8.09
N LYS B 82 14.14 -22.81 9.00
CA LYS B 82 13.72 -23.01 10.38
C LYS B 82 12.26 -22.67 10.62
N ALA B 83 11.61 -21.95 9.70
CA ALA B 83 10.20 -21.65 9.78
C ALA B 83 9.61 -21.73 8.38
N ASP B 84 8.30 -21.95 8.31
CA ASP B 84 7.57 -22.09 7.06
C ASP B 84 6.92 -20.80 6.57
N ILE B 85 6.69 -19.86 7.47
CA ILE B 85 5.99 -18.63 7.12
C ILE B 85 6.33 -17.64 8.22
N ALA B 86 6.39 -16.35 7.87
CA ALA B 86 6.52 -15.27 8.83
C ALA B 86 5.26 -14.42 8.77
N ILE B 87 4.63 -14.20 9.93
CA ILE B 87 3.42 -13.39 10.05
C ILE B 87 3.73 -12.34 11.09
N ALA B 88 4.10 -11.15 10.64
CA ALA B 88 4.70 -10.12 11.46
C ALA B 88 4.72 -8.80 10.71
N PRO B 89 4.99 -7.70 11.38
CA PRO B 89 5.12 -6.41 10.67
C PRO B 89 6.47 -6.31 9.97
N LEU B 90 6.64 -7.13 8.94
CA LEU B 90 7.89 -7.33 8.21
C LEU B 90 7.79 -6.61 6.86
N THR B 91 8.64 -5.61 6.68
CA THR B 91 8.58 -4.76 5.50
C THR B 91 9.08 -5.46 4.24
N ILE B 92 8.30 -5.29 3.16
CA ILE B 92 8.68 -5.74 1.84
C ILE B 92 9.75 -4.79 1.32
N THR B 93 10.95 -5.31 1.07
CA THR B 93 12.06 -4.54 0.54
C THR B 93 12.70 -5.33 -0.60
N LEU B 94 13.47 -4.63 -1.44
CA LEU B 94 14.13 -5.31 -2.54
C LEU B 94 15.09 -6.41 -2.06
N VAL B 95 15.97 -6.07 -1.11
CA VAL B 95 16.95 -7.09 -0.72
C VAL B 95 16.28 -8.32 -0.09
N ARG B 96 15.17 -8.13 0.61
CA ARG B 96 14.44 -9.28 1.16
C ARG B 96 13.67 -10.02 0.07
N GLU B 97 13.07 -9.29 -0.88
CA GLU B 97 12.34 -9.94 -1.96
C GLU B 97 13.24 -10.85 -2.79
N GLU B 98 14.53 -10.51 -2.89
CA GLU B 98 15.47 -11.36 -3.62
C GLU B 98 15.69 -12.72 -2.96
N VAL B 99 15.41 -12.89 -1.67
CA VAL B 99 15.73 -14.13 -0.96
C VAL B 99 14.52 -14.86 -0.39
N ILE B 100 13.37 -14.20 -0.20
CA ILE B 100 12.14 -14.81 0.29
C ILE B 100 10.98 -14.33 -0.57
N ASP B 101 9.86 -15.04 -0.49
CA ASP B 101 8.61 -14.63 -1.14
C ASP B 101 7.76 -13.81 -0.17
N PHE B 102 6.98 -12.88 -0.74
CA PHE B 102 6.07 -12.03 0.03
C PHE B 102 4.70 -11.99 -0.64
N SER B 103 3.67 -12.04 0.18
CA SER B 103 2.34 -11.68 -0.28
C SER B 103 2.28 -10.20 -0.66
N LYS B 104 1.21 -9.83 -1.34
CA LYS B 104 0.89 -8.43 -1.46
C LYS B 104 0.66 -7.86 -0.06
N PRO B 105 0.78 -6.55 0.12
CA PRO B 105 0.83 -6.02 1.50
C PRO B 105 -0.50 -6.16 2.24
N PHE B 106 -0.39 -6.41 3.55
CA PHE B 106 -1.55 -6.38 4.43
C PHE B 106 -1.70 -5.06 5.19
N MET B 107 -0.68 -4.21 5.15
CA MET B 107 -0.67 -2.91 5.80
C MET B 107 0.28 -2.01 5.04
N SER B 108 -0.09 -0.73 4.96
CA SER B 108 0.68 0.30 4.28
C SER B 108 1.24 1.24 5.34
N LEU B 109 2.48 1.71 5.16
CA LEU B 109 3.16 2.50 6.19
C LEU B 109 4.37 3.23 5.58
N GLY B 110 4.98 4.09 6.38
CA GLY B 110 6.23 4.74 6.00
C GLY B 110 7.05 5.06 7.22
N ILE B 111 8.36 5.29 7.01
CA ILE B 111 9.20 5.74 8.12
C ILE B 111 8.69 7.09 8.60
N SER B 112 8.76 7.32 9.90
CA SER B 112 8.19 8.49 10.56
C SER B 112 9.04 8.84 11.79
N ILE B 113 8.77 10.01 12.36
CA ILE B 113 9.51 10.53 13.50
C ILE B 113 8.64 10.53 14.75
N MET B 114 9.13 9.90 15.79
CA MET B 114 8.50 9.94 17.12
C MET B 114 9.26 10.91 18.01
N ILE B 115 8.53 11.89 18.57
CA ILE B 115 9.10 12.81 19.55
C ILE B 115 8.39 12.70 20.89
N LYS B 116 9.09 13.10 21.94
CA LYS B 116 8.42 13.44 23.19
C LYS B 116 7.64 14.73 22.96
N LYS B 117 6.40 14.78 23.43
CA LYS B 117 5.58 15.97 23.20
C LYS B 117 6.32 17.24 23.61
N GLY B 118 6.26 18.23 22.72
CA GLY B 118 6.87 19.53 22.96
C GLY B 118 8.26 19.68 22.39
N THR B 119 8.85 18.60 21.90
CA THR B 119 10.16 18.68 21.27
C THR B 119 10.08 19.57 20.04
N PRO B 120 11.03 20.50 19.84
CA PRO B 120 10.94 21.47 18.74
C PRO B 120 11.50 20.90 17.43
N ILE B 121 10.82 19.87 16.95
CA ILE B 121 11.18 19.20 15.69
C ILE B 121 9.87 18.95 14.96
N GLU B 122 9.83 19.28 13.66
CA GLU B 122 8.68 18.99 12.84
C GLU B 122 8.98 18.12 11.62
N SER B 123 10.25 17.80 11.34
CA SER B 123 10.60 17.14 10.09
C SER B 123 11.99 16.52 10.21
N ALA B 124 12.29 15.64 9.24
CA ALA B 124 13.63 15.08 9.11
C ALA B 124 14.65 16.18 8.84
N GLU B 125 14.30 17.15 7.98
CA GLU B 125 15.21 18.26 7.74
C GLU B 125 15.57 18.95 9.05
N ASP B 126 14.57 19.18 9.91
CA ASP B 126 14.83 19.79 11.22
C ASP B 126 15.86 18.98 12.02
N LEU B 127 15.67 17.66 12.10
CA LEU B 127 16.64 16.83 12.82
C LEU B 127 18.03 16.97 12.25
N SER B 128 18.15 16.95 10.92
CA SER B 128 19.44 16.95 10.25
C SER B 128 20.22 18.25 10.40
N LYS B 129 19.57 19.35 10.75
CA LYS B 129 20.20 20.66 10.81
C LYS B 129 20.53 21.10 12.24
N GLN B 130 20.43 20.20 13.20
CA GLN B 130 20.74 20.53 14.59
C GLN B 130 21.48 19.34 15.20
N THR B 131 22.03 19.56 16.40
CA THR B 131 22.79 18.53 17.11
C THR B 131 22.34 18.32 18.56
N GLU B 132 21.47 19.15 19.09
CA GLU B 132 21.07 19.00 20.50
C GLU B 132 20.26 17.72 20.75
N ILE B 133 19.42 17.35 19.78
CA ILE B 133 18.49 16.24 19.89
C ILE B 133 19.10 15.09 19.08
N ALA B 134 19.41 14.00 19.77
CA ALA B 134 19.93 12.80 19.13
C ALA B 134 18.77 12.04 18.52
N TYR B 135 19.08 11.15 17.57
CA TYR B 135 18.05 10.37 16.93
C TYR B 135 18.66 9.10 16.34
N GLY B 136 17.85 8.05 16.27
CA GLY B 136 18.29 6.77 15.78
C GLY B 136 17.13 5.89 15.34
N THR B 137 17.48 4.65 15.00
CA THR B 137 16.58 3.67 14.38
C THR B 137 16.75 2.34 15.09
N LEU B 138 15.86 1.41 14.76
CA LEU B 138 15.98 0.02 15.15
C LEU B 138 17.15 -0.62 14.41
N ASP B 139 17.84 -1.54 15.06
CA ASP B 139 18.83 -2.39 14.40
C ASP B 139 18.19 -3.47 13.52
N SER B 140 18.96 -3.93 12.52
CA SER B 140 18.73 -5.21 11.82
C SER B 140 17.44 -5.23 11.01
N GLY B 141 17.09 -4.10 10.40
CA GLY B 141 15.91 -4.06 9.58
C GLY B 141 15.88 -3.00 8.48
N SER B 142 14.69 -2.75 7.99
CA SER B 142 14.50 -1.92 6.81
C SER B 142 14.70 -0.44 7.09
N THR B 143 14.44 0.05 8.30
CA THR B 143 14.60 1.47 8.56
C THR B 143 16.07 1.87 8.57
N LYS B 144 16.92 1.07 9.22
CA LYS B 144 18.34 1.38 9.21
C LYS B 144 18.91 1.32 7.79
N GLU B 145 18.47 0.32 7.02
CA GLU B 145 18.93 0.19 5.63
C GLU B 145 18.50 1.37 4.78
N PHE B 146 17.29 1.92 5.02
CA PHE B 146 16.85 3.10 4.29
C PHE B 146 17.88 4.22 4.39
N PHE B 147 18.33 4.51 5.62
CA PHE B 147 19.29 5.59 5.80
C PHE B 147 20.65 5.26 5.22
N ARG B 148 21.12 4.03 5.41
CA ARG B 148 22.41 3.62 4.88
C ARG B 148 22.45 3.75 3.35
N ARG B 149 21.34 3.49 2.67
CA ARG B 149 21.32 3.49 1.22
C ARG B 149 20.89 4.79 0.58
N SER B 150 20.37 5.73 1.32
CA SER B 150 19.74 6.86 0.67
C SER B 150 20.77 7.74 -0.02
N LYS B 151 20.42 8.18 -1.22
CA LYS B 151 21.17 9.20 -1.94
C LYS B 151 20.64 10.62 -1.69
N ILE B 152 19.55 10.75 -0.95
CA ILE B 152 18.93 12.04 -0.70
C ILE B 152 19.74 12.75 0.39
N ALA B 153 20.08 14.02 0.15
CA ALA B 153 21.06 14.67 1.00
C ALA B 153 20.66 14.67 2.46
N VAL B 154 19.41 15.03 2.78
CA VAL B 154 18.99 15.08 4.18
CA VAL B 154 18.98 15.07 4.18
C VAL B 154 19.19 13.72 4.85
N PHE B 155 18.82 12.64 4.15
CA PHE B 155 18.93 11.30 4.74
C PHE B 155 20.38 10.83 4.80
N ASP B 156 21.23 11.16 3.81
CA ASP B 156 22.66 10.88 3.91
C ASP B 156 23.28 11.61 5.08
N LYS B 157 22.89 12.87 5.28
CA LYS B 157 23.40 13.62 6.42
C LYS B 157 23.00 12.97 7.74
N MET B 158 21.74 12.56 7.84
CA MET B 158 21.26 11.86 9.02
C MET B 158 22.02 10.55 9.23
N TRP B 159 22.22 9.77 8.16
CA TRP B 159 22.95 8.50 8.29
C TRP B 159 24.39 8.74 8.74
N THR B 160 25.03 9.76 8.18
CA THR B 160 26.42 10.03 8.52
C THR B 160 26.54 10.36 9.99
N TYR B 161 25.59 11.11 10.53
CA TYR B 161 25.55 11.38 11.96
C TYR B 161 25.25 10.09 12.75
N MET B 162 24.19 9.37 12.39
CA MET B 162 23.76 8.25 13.24
C MET B 162 24.82 7.17 13.31
N ARG B 163 25.47 6.87 12.18
CA ARG B 163 26.37 5.73 12.14
C ARG B 163 27.57 5.91 13.04
N SER B 164 27.93 7.15 13.37
CA SER B 164 29.11 7.41 14.17
CA SER B 164 29.11 7.41 14.17
C SER B 164 28.79 8.01 15.53
N ALA B 165 27.51 8.23 15.84
CA ALA B 165 27.13 8.85 17.11
C ALA B 165 27.53 7.97 18.30
N GLU B 166 27.94 8.63 19.38
CA GLU B 166 28.33 7.97 20.63
C GLU B 166 27.67 8.70 21.80
N PRO B 167 27.01 7.97 22.73
CA PRO B 167 26.79 6.54 22.67
C PRO B 167 25.87 6.19 21.49
N SER B 168 25.75 4.92 21.18
CA SER B 168 24.96 4.49 20.04
C SER B 168 23.55 5.02 20.12
N VAL B 169 23.04 5.46 18.96
CA VAL B 169 21.66 5.90 18.85
C VAL B 169 20.74 4.78 18.38
N PHE B 170 21.28 3.62 18.07
CA PHE B 170 20.46 2.52 17.59
C PHE B 170 19.96 1.68 18.75
N VAL B 171 18.79 1.07 18.56
CA VAL B 171 18.18 0.25 19.61
C VAL B 171 17.90 -1.16 19.07
N ARG B 172 17.85 -2.11 19.98
CA ARG B 172 17.63 -3.49 19.59
C ARG B 172 16.17 -3.85 19.42
N THR B 173 15.26 -3.13 20.10
CA THR B 173 13.83 -3.37 20.03
C THR B 173 13.09 -2.04 20.00
N THR B 174 11.89 -2.08 19.42
CA THR B 174 11.05 -0.89 19.39
C THR B 174 10.82 -0.35 20.79
N ALA B 175 10.57 -1.25 21.75
CA ALA B 175 10.30 -0.81 23.12
C ALA B 175 11.45 0.02 23.69
N GLU B 176 12.70 -0.36 23.39
CA GLU B 176 13.88 0.38 23.83
C GLU B 176 13.91 1.77 23.20
N GLY B 177 13.51 1.88 21.94
CA GLY B 177 13.41 3.20 21.32
C GLY B 177 12.37 4.07 21.99
N VAL B 178 11.18 3.49 22.28
CA VAL B 178 10.13 4.23 22.97
C VAL B 178 10.63 4.73 24.31
N ALA B 179 11.27 3.87 25.09
CA ALA B 179 11.77 4.29 26.38
C ALA B 179 12.79 5.42 26.25
N ARG B 180 13.65 5.34 25.23
CA ARG B 180 14.66 6.37 25.06
C ARG B 180 14.01 7.72 24.76
N VAL B 181 12.96 7.72 23.93
CA VAL B 181 12.21 8.97 23.72
C VAL B 181 11.64 9.46 25.05
N ARG B 182 10.95 8.57 25.76
CA ARG B 182 10.18 8.98 26.94
C ARG B 182 11.06 9.49 28.07
N LYS B 183 12.26 8.97 28.21
CA LYS B 183 13.15 9.28 29.31
C LYS B 183 14.16 10.38 29.00
N SER B 184 14.24 10.84 27.74
CA SER B 184 15.33 11.72 27.35
C SER B 184 14.97 13.21 27.38
N LYS B 185 13.80 13.59 27.92
CA LYS B 185 13.49 15.01 28.17
C LYS B 185 13.50 15.85 26.88
N GLY B 186 13.12 15.24 25.76
CA GLY B 186 13.10 15.91 24.48
C GLY B 186 14.38 15.80 23.69
N LYS B 187 15.40 15.14 24.21
CA LYS B 187 16.73 15.12 23.59
C LYS B 187 17.01 13.86 22.77
N TYR B 188 16.00 13.02 22.57
CA TYR B 188 16.10 11.88 21.66
C TYR B 188 14.80 11.78 20.89
N ALA B 189 14.90 11.59 19.57
CA ALA B 189 13.79 11.29 18.69
C ALA B 189 14.03 9.96 18.02
N TYR B 190 12.96 9.22 17.80
CA TYR B 190 13.08 7.85 17.31
C TYR B 190 12.46 7.75 15.91
N LEU B 191 13.18 7.10 15.01
CA LEU B 191 12.74 6.91 13.62
C LEU B 191 12.19 5.50 13.51
N LEU B 192 10.90 5.37 13.19
CA LEU B 192 10.23 4.08 13.16
C LEU B 192 9.01 4.19 12.24
N GLU B 193 8.42 3.05 11.92
CA GLU B 193 7.34 3.06 10.95
C GLU B 193 6.07 3.68 11.53
N SER B 194 5.32 4.35 10.63
CA SER B 194 4.21 5.22 11.02
C SER B 194 3.17 4.49 11.85
N THR B 195 2.78 3.28 11.47
CA THR B 195 1.70 2.66 12.25
C THR B 195 2.17 2.24 13.64
N MET B 196 3.46 1.98 13.84
CA MET B 196 3.95 1.74 15.19
C MET B 196 3.98 3.02 16.00
N ASN B 197 4.42 4.11 15.39
CA ASN B 197 4.35 5.44 16.00
C ASN B 197 2.94 5.76 16.42
N GLU B 198 1.97 5.52 15.54
CA GLU B 198 0.56 5.76 15.82
C GLU B 198 0.07 4.92 16.98
N TYR B 199 0.51 3.67 17.07
CA TYR B 199 0.12 2.81 18.18
C TYR B 199 0.60 3.42 19.50
N ILE B 200 1.87 3.82 19.57
CA ILE B 200 2.44 4.29 20.82
C ILE B 200 1.78 5.58 21.25
N GLU B 201 1.36 6.41 20.29
CA GLU B 201 0.63 7.63 20.58
CA GLU B 201 0.66 7.64 20.60
C GLU B 201 -0.65 7.36 21.35
N GLN B 202 -1.21 6.16 21.24
CA GLN B 202 -2.44 5.76 21.91
C GLN B 202 -2.19 5.05 23.23
N ARG B 203 -0.96 4.99 23.71
CA ARG B 203 -0.64 4.25 24.92
C ARG B 203 -0.20 5.22 26.02
N LYS B 204 -0.59 4.90 27.27
CA LYS B 204 -0.15 5.70 28.42
C LYS B 204 1.40 5.70 28.50
N PRO B 205 2.00 6.82 28.94
CA PRO B 205 1.32 8.01 29.46
C PRO B 205 0.99 9.08 28.43
N CYS B 206 0.84 8.70 27.16
CA CYS B 206 0.33 9.63 26.16
C CYS B 206 1.28 10.84 26.02
N ASP B 207 2.58 10.57 25.98
CA ASP B 207 3.63 11.59 26.02
C ASP B 207 4.45 11.64 24.74
N THR B 208 4.07 10.88 23.71
CA THR B 208 4.79 10.88 22.45
C THR B 208 3.86 11.30 21.32
N MET B 209 4.46 11.70 20.21
CA MET B 209 3.71 12.19 19.06
C MET B 209 4.46 11.82 17.79
N LYS B 210 3.70 11.51 16.74
CA LYS B 210 4.24 11.40 15.40
C LYS B 210 4.26 12.79 14.76
N VAL B 211 5.40 13.20 14.19
CA VAL B 211 5.51 14.50 13.55
C VAL B 211 6.08 14.37 12.14
N GLY B 212 5.66 15.31 11.27
CA GLY B 212 6.11 15.33 9.90
C GLY B 212 5.41 14.31 9.01
N GLY B 213 5.67 14.43 7.73
CA GLY B 213 5.17 13.44 6.79
C GLY B 213 6.01 12.18 6.82
N ASN B 214 5.45 11.11 6.28
CA ASN B 214 6.23 9.89 6.21
C ASN B 214 7.36 10.09 5.21
N LEU B 215 8.51 9.44 5.45
CA LEU B 215 9.67 9.60 4.57
CA LEU B 215 9.66 9.59 4.56
C LEU B 215 9.58 8.73 3.33
N ASP B 216 8.76 7.68 3.36
CA ASP B 216 8.61 6.78 2.23
C ASP B 216 7.24 6.13 2.34
N SER B 217 6.93 5.23 1.40
CA SER B 217 5.63 4.56 1.30
C SER B 217 5.88 3.11 0.94
N LYS B 218 5.53 2.19 1.82
CA LYS B 218 5.81 0.78 1.59
C LYS B 218 4.79 -0.05 2.35
N GLY B 219 5.07 -1.34 2.44
CA GLY B 219 4.07 -2.27 2.97
C GLY B 219 4.68 -3.43 3.72
N TYR B 220 3.85 -4.02 4.59
CA TYR B 220 4.17 -5.29 5.25
C TYR B 220 3.59 -6.44 4.43
N GLY B 221 4.35 -7.51 4.28
CA GLY B 221 3.84 -8.71 3.64
C GLY B 221 4.05 -9.95 4.49
N ILE B 222 3.22 -10.96 4.23
CA ILE B 222 3.41 -12.30 4.80
C ILE B 222 4.48 -12.99 3.98
N ALA B 223 5.51 -13.50 4.63
CA ALA B 223 6.67 -14.01 3.92
C ALA B 223 6.78 -15.52 4.03
N THR B 224 7.27 -16.13 2.97
CA THR B 224 7.49 -17.57 2.91
C THR B 224 8.85 -17.81 2.29
N PRO B 225 9.42 -18.99 2.48
CA PRO B 225 10.67 -19.31 1.78
C PRO B 225 10.43 -19.27 0.28
N LYS B 226 11.47 -18.83 -0.45
CA LYS B 226 11.35 -18.65 -1.88
C LYS B 226 10.92 -19.94 -2.54
N GLY B 227 9.81 -19.85 -3.29
CA GLY B 227 9.26 -20.99 -4.01
C GLY B 227 8.34 -21.89 -3.21
N SER B 228 8.09 -21.58 -1.94
CA SER B 228 7.21 -22.40 -1.13
C SER B 228 5.83 -22.45 -1.76
N SER B 229 5.21 -23.64 -1.74
CA SER B 229 3.88 -23.79 -2.30
C SER B 229 2.81 -23.09 -1.47
N LEU B 230 3.12 -22.68 -0.23
CA LEU B 230 2.14 -21.98 0.63
C LEU B 230 1.88 -20.56 0.16
N GLY B 231 2.80 -19.97 -0.62
CA GLY B 231 2.70 -18.55 -0.92
C GLY B 231 1.45 -18.17 -1.68
N ASN B 232 1.02 -18.99 -2.65
CA ASN B 232 -0.10 -18.60 -3.48
C ASN B 232 -1.38 -18.45 -2.67
N ALA B 233 -1.70 -19.45 -1.86
CA ALA B 233 -2.91 -19.41 -1.06
C ALA B 233 -2.87 -18.28 -0.03
N VAL B 234 -1.71 -18.09 0.60
CA VAL B 234 -1.56 -17.02 1.58
C VAL B 234 -1.84 -15.66 0.95
N ASN B 235 -1.30 -15.43 -0.25
CA ASN B 235 -1.53 -14.16 -0.93
C ASN B 235 -3.00 -13.94 -1.25
N LEU B 236 -3.68 -14.96 -1.78
CA LEU B 236 -5.11 -14.82 -2.04
C LEU B 236 -5.88 -14.54 -0.75
N ALA B 237 -5.48 -15.16 0.35
CA ALA B 237 -6.14 -14.91 1.63
C ALA B 237 -5.94 -13.47 2.08
N VAL B 238 -4.73 -12.92 1.93
CA VAL B 238 -4.50 -11.52 2.29
C VAL B 238 -5.42 -10.61 1.51
N LEU B 239 -5.54 -10.83 0.19
CA LEU B 239 -6.37 -9.96 -0.65
C LEU B 239 -7.84 -10.08 -0.25
N LYS B 240 -8.29 -11.30 0.04
CA LYS B 240 -9.68 -11.48 0.44
C LYS B 240 -9.95 -10.79 1.78
N LEU B 241 -9.05 -10.96 2.75
CA LEU B 241 -9.24 -10.36 4.06
C LEU B 241 -9.24 -8.85 3.97
N ASN B 242 -8.40 -8.29 3.10
CA ASN B 242 -8.42 -6.85 2.89
C ASN B 242 -9.77 -6.41 2.33
N GLU B 243 -10.23 -7.12 1.29
CA GLU B 243 -11.45 -6.67 0.61
C GLU B 243 -12.69 -6.83 1.46
N GLN B 244 -12.69 -7.79 2.38
CA GLN B 244 -13.82 -7.98 3.29
C GLN B 244 -13.82 -6.99 4.45
N GLY B 245 -12.79 -6.16 4.59
CA GLY B 245 -12.71 -5.22 5.68
C GLY B 245 -12.07 -5.75 6.93
N LEU B 246 -11.58 -7.00 6.92
CA LEU B 246 -11.08 -7.61 8.16
C LEU B 246 -9.79 -6.95 8.62
N LEU B 247 -8.90 -6.59 7.71
CA LEU B 247 -7.66 -5.95 8.12
C LEU B 247 -7.93 -4.58 8.74
N ASP B 248 -8.88 -3.81 8.20
CA ASP B 248 -9.25 -2.54 8.82
C ASP B 248 -9.85 -2.76 10.20
N LYS B 249 -10.67 -3.80 10.34
CA LYS B 249 -11.24 -4.12 11.66
C LYS B 249 -10.15 -4.46 12.66
N LEU B 250 -9.15 -5.23 12.26
CA LEU B 250 -8.07 -5.58 13.18
C LEU B 250 -7.24 -4.38 13.59
N LYS B 251 -6.97 -3.45 12.65
CA LYS B 251 -6.24 -2.26 13.06
C LYS B 251 -7.06 -1.46 14.07
N ASN B 252 -8.34 -1.28 13.80
CA ASN B 252 -9.15 -0.49 14.71
CA ASN B 252 -9.16 -0.50 14.70
C ASN B 252 -9.22 -1.14 16.08
N LYS B 253 -9.35 -2.47 16.12
CA LYS B 253 -9.41 -3.21 17.39
C LYS B 253 -8.17 -2.94 18.24
N TRP B 254 -6.99 -3.17 17.67
CA TRP B 254 -5.78 -3.17 18.47
C TRP B 254 -5.22 -1.78 18.70
N TRP B 255 -5.46 -0.83 17.80
CA TRP B 255 -4.93 0.53 17.94
C TRP B 255 -5.87 1.46 18.69
N TYR B 256 -7.16 1.44 18.36
CA TYR B 256 -8.07 2.50 18.76
C TYR B 256 -9.12 2.04 19.76
N ASP B 257 -9.81 0.92 19.49
CA ASP B 257 -10.76 0.41 20.48
C ASP B 257 -10.09 0.17 21.82
N LYS B 258 -8.85 -0.31 21.81
CA LYS B 258 -8.06 -0.64 23.00
C LYS B 258 -7.15 0.52 23.43
N GLY B 259 -7.28 1.70 22.81
CA GLY B 259 -6.42 2.83 23.16
C GLY B 259 -6.64 3.33 24.58
N GLU B 260 -5.57 3.91 25.15
CA GLU B 260 -5.52 4.32 26.55
C GLU B 260 -5.46 5.83 26.71
N CYS B 261 -5.57 6.57 25.62
CA CYS B 261 -5.36 8.01 25.65
C CYS B 261 -6.64 8.76 25.29
N GLY B 262 -7.79 8.13 25.49
CA GLY B 262 -9.07 8.78 25.29
C GLY B 262 -9.73 8.35 24.00
N SER B 263 -10.86 9.00 23.72
CA SER B 263 -11.65 8.71 22.52
C SER B 263 -11.37 9.69 21.39
S SO4 C . -19.51 -4.82 -13.76
O1 SO4 C . -20.92 -4.90 -13.37
O2 SO4 C . -19.34 -3.58 -14.48
O3 SO4 C . -19.13 -5.97 -14.58
O4 SO4 C . -18.72 -4.77 -12.51
S SO4 D . -4.10 9.26 -0.69
O1 SO4 D . -2.67 9.14 -0.36
O2 SO4 D . -4.59 10.54 -0.20
O3 SO4 D . -4.85 8.15 -0.10
O4 SO4 D . -4.25 9.11 -2.15
S SO4 E . -4.02 7.81 -33.13
O1 SO4 E . -4.40 9.06 -33.81
O2 SO4 E . -3.30 8.14 -31.90
O3 SO4 E . -5.25 7.09 -32.82
O4 SO4 E . -3.19 7.05 -34.05
S SO4 F . 19.92 2.76 -11.83
O1 SO4 F . 18.89 3.53 -12.53
O2 SO4 F . 20.79 3.68 -11.08
O3 SO4 F . 19.32 1.80 -10.91
O4 SO4 F . 20.73 2.02 -12.80
S SO4 G . -4.19 18.84 -29.38
O1 SO4 G . -5.27 19.18 -30.30
O2 SO4 G . -3.43 20.04 -29.05
O3 SO4 G . -4.75 18.24 -28.16
O4 SO4 G . -3.30 17.89 -30.03
S SO4 H . -33.66 -7.05 -7.79
O1 SO4 H . -34.82 -6.99 -6.89
O2 SO4 H . -32.87 -5.85 -7.61
O3 SO4 H . -32.85 -8.23 -7.47
O4 SO4 H . -34.12 -7.12 -9.18
N1 HJ8 I . -11.39 5.16 -9.65
N3 HJ8 I . -9.73 4.63 -10.95
C4 HJ8 I . -10.55 3.51 -10.97
C5 HJ8 I . -11.56 3.91 -10.09
C6 HJ8 I . -8.45 4.77 -11.66
C7 HJ8 I . -7.98 6.19 -11.90
O1 HJ8 I . -10.77 -0.77 -11.76
C1 HJ8 I . -9.69 -0.28 -11.44
C2 HJ8 I . -9.63 1.12 -10.80
C3 HJ8 I . -10.27 2.21 -11.70
N2 HJ8 I . -10.22 5.63 -10.19
N4 HJ8 I . -8.23 1.53 -10.46
O2 HJ8 I . -8.49 -0.88 -11.50
O3 HJ8 I . -12.62 3.17 -9.76
H5 HJ8 I . -7.79 4.28 -11.14
H6 HJ8 I . -8.52 4.30 -12.51
H9 HJ8 I . -7.87 6.68 -11.07
H7 HJ8 I . -8.61 6.68 -12.44
H8 HJ8 I . -7.12 6.21 -12.35
H10 HJ8 I . -10.17 1.07 -9.99
H12 HJ8 I . -9.74 2.35 -12.50
H11 HJ8 I . -11.12 1.88 -12.03
H2 HJ8 I . -7.66 0.94 -10.81
H3 HJ8 I . -8.11 1.41 -9.58
H4 HJ8 I . -13.20 3.72 -9.44
C1 GOL J . 9.55 5.80 -29.12
O1 GOL J . 9.64 7.04 -28.43
C2 GOL J . 8.87 6.03 -30.46
O2 GOL J . 7.86 7.02 -30.36
C3 GOL J . 8.35 4.72 -31.06
O3 GOL J . 7.20 4.18 -30.41
H11 GOL J . 8.98 5.09 -28.52
H12 GOL J . 10.55 5.39 -29.28
HO1 GOL J . 10.02 6.89 -27.53
H2 GOL J . 9.63 6.39 -31.14
HO2 GOL J . 7.50 7.20 -31.24
H31 GOL J . 9.14 3.97 -31.03
H32 GOL J . 8.11 4.88 -32.10
HO3 GOL J . 7.35 3.21 -30.24
C1 PGE K . -24.93 -3.69 -11.61
O1 PGE K . -24.88 -2.83 -12.76
C2 PGE K . -24.61 -5.11 -12.05
O2 PGE K . -24.38 -5.97 -10.91
C3 PGE K . -25.55 -6.63 -10.44
C4 PGE K . -25.17 -8.02 -9.93
O4 PGE K . -24.97 -8.21 -5.59
C6 PGE K . -26.08 -7.87 -6.44
C5 PGE K . -25.95 -8.57 -7.78
O3 PGE K . -24.93 -7.94 -8.54
H1 PGE K . -24.21 -3.35 -10.87
H12 PGE K . -25.93 -3.66 -11.17
HO1 PGE K . -25.09 -1.92 -12.49
H2 PGE K . -23.71 -5.10 -12.68
H22 PGE K . -25.43 -5.50 -12.64
H3 PGE K . -26.01 -6.06 -9.63
H32 PGE K . -26.28 -6.73 -11.25
H4 PGE K . -24.28 -8.37 -10.45
H42 PGE K . -25.98 -8.72 -10.13
HO4 PGE K . -25.07 -7.76 -4.74
H6 PGE K . -26.09 -6.79 -6.60
H62 PGE K . -27.01 -8.15 -5.97
H5 PGE K . -26.90 -8.51 -8.31
H52 PGE K . -25.71 -9.63 -7.62
CL CL L . -20.38 -3.28 9.87
CL CL M . -16.45 8.34 4.66
CL CL N . 10.01 15.83 -5.85
C1 CIT O . -23.28 11.56 -19.88
O1 CIT O . -23.54 11.16 -18.72
O2 CIT O . -22.52 10.95 -20.67
C2 CIT O . -23.95 12.83 -20.35
C3 CIT O . -23.38 14.09 -19.69
O7 CIT O . -22.09 14.29 -20.28
C4 CIT O . -23.18 14.00 -18.15
C5 CIT O . -24.46 13.81 -17.37
O3 CIT O . -24.90 14.75 -16.65
O4 CIT O . -25.04 12.71 -17.42
C6 CIT O . -24.24 15.28 -20.06
O5 CIT O . -23.66 16.32 -20.47
O6 CIT O . -25.48 15.16 -19.96
H21 CIT O . -23.85 12.92 -21.43
H22 CIT O . -25.02 12.78 -20.13
HO7 CIT O . -21.51 13.54 -20.05
H41 CIT O . -22.51 13.17 -17.92
H42 CIT O . -22.69 14.91 -17.81
LI LI P . 6.10 -8.29 -29.11
LI LI Q . -2.34 -13.29 -9.97
S SO4 R . 22.37 -3.53 10.96
O1 SO4 R . 21.75 -3.48 12.28
O2 SO4 R . 23.54 -2.65 10.98
O3 SO4 R . 22.83 -4.90 10.64
O4 SO4 R . 21.52 -3.06 9.87
S SO4 S . 22.08 -26.26 11.21
O1 SO4 S . 21.12 -25.34 10.60
O2 SO4 S . 22.05 -26.10 12.67
O3 SO4 S . 21.71 -27.64 10.89
O4 SO4 S . 23.42 -25.95 10.71
S SO4 T . 25.80 -10.10 -3.32
O1 SO4 T . 24.34 -10.12 -3.27
O2 SO4 T . 26.28 -8.95 -2.56
O3 SO4 T . 26.34 -11.34 -2.76
O4 SO4 T . 26.23 -10.00 -4.72
S SO4 U . 0.21 6.35 7.63
O1 SO4 U . -0.74 5.64 8.47
O2 SO4 U . 0.70 7.56 8.31
O3 SO4 U . 1.36 5.51 7.35
O4 SO4 U . -0.42 6.75 6.37
N1 HJ8 V . 9.72 0.41 12.76
N3 HJ8 V . 8.93 -1.62 12.68
C4 HJ8 V . 10.16 -1.73 12.12
C5 HJ8 V . 10.61 -0.40 12.18
C6 HJ8 V . 7.89 -2.65 12.90
C7 HJ8 V . 6.98 -2.45 14.11
O1 HJ8 V . 12.63 -4.19 9.55
C1 HJ8 V . 11.32 -4.30 9.38
C2 HJ8 V . 10.52 -3.17 10.02
C3 HJ8 V . 10.77 -3.02 11.54
N2 HJ8 V . 8.63 -0.34 13.07
N4 HJ8 V . 9.08 -3.39 9.77
O2 HJ8 V . 10.76 -5.17 8.71
O3 HJ8 V . 11.80 0.02 11.75
H5 HJ8 V . 8.35 -3.50 12.98
H6 HJ8 V . 7.35 -2.71 12.09
H9 HJ8 V . 6.31 -3.15 14.18
H7 HJ8 V . 7.49 -2.45 14.93
H8 HJ8 V . 6.51 -1.60 14.07
H10 HJ8 V . 10.82 -2.35 9.61
H12 HJ8 V . 10.46 -3.81 12.02
H11 HJ8 V . 11.72 -3.00 11.70
H2 HJ8 V . 8.95 -4.21 9.46
H3 HJ8 V . 8.82 -2.89 9.08
H4 HJ8 V . 11.97 0.74 12.18
C1 GOL W . -14.89 -15.83 4.60
O1 GOL W . -15.61 -15.29 5.69
C2 GOL W . -15.84 -16.25 3.48
O2 GOL W . -16.68 -15.18 3.12
C3 GOL W . -15.05 -16.69 2.25
O3 GOL W . -14.27 -17.81 2.57
H11 GOL W . -14.32 -16.70 4.94
H12 GOL W . -14.18 -15.09 4.22
HO1 GOL W . -15.00 -15.09 6.42
H2 GOL W . -16.43 -17.09 3.82
HO2 GOL W . -16.13 -14.44 2.78
H31 GOL W . -14.39 -15.87 1.92
H32 GOL W . -15.73 -16.92 1.44
HO3 GOL W . -13.75 -18.08 1.79
C1 GOL X . 5.44 -24.54 23.48
O1 GOL X . 4.44 -24.20 24.44
C2 GOL X . 6.83 -24.11 23.93
O2 GOL X . 7.54 -25.21 24.47
C3 GOL X . 7.63 -23.47 22.80
O3 GOL X . 8.03 -22.18 23.19
H11 GOL X . 5.20 -24.06 22.53
H12 GOL X . 5.43 -25.62 23.32
HO1 GOL X . 3.55 -24.43 24.09
H2 GOL X . 6.70 -23.36 24.71
HO2 GOL X . 7.70 -25.87 23.77
H31 GOL X . 7.02 -23.41 21.90
H32 GOL X . 8.50 -24.08 22.58
HO3 GOL X . 7.80 -21.54 22.48
C1 GOL Y . 3.72 -31.98 14.90
O1 GOL Y . 2.80 -31.08 15.51
C2 GOL Y . 4.21 -31.39 13.58
O2 GOL Y . 5.60 -31.59 13.38
C3 GOL Y . 3.47 -32.03 12.42
O3 GOL Y . 2.09 -32.04 12.61
H11 GOL Y . 3.24 -32.93 14.72
H12 GOL Y . 4.58 -32.15 15.56
HO1 GOL Y . 2.45 -31.49 16.31
H2 GOL Y . 4.00 -30.32 13.57
HO2 GOL Y . 5.78 -32.55 13.34
H31 GOL Y . 3.82 -33.06 12.29
H32 GOL Y . 3.70 -31.49 11.50
HO3 GOL Y . 1.65 -32.48 11.86
C1 PGE Z . 5.45 -17.73 30.64
O1 PGE Z . 6.31 -18.58 31.37
C2 PGE Z . 6.10 -17.22 29.38
O2 PGE Z . 5.52 -17.94 28.30
C3 PGE Z . 6.40 -17.97 27.18
C4 PGE Z . 7.25 -19.23 27.23
O4 PGE Z . 9.05 -22.67 28.34
C6 PGE Z . 7.67 -22.31 28.41
C5 PGE Z . 7.22 -21.58 27.16
O3 PGE Z . 6.48 -20.41 27.52
H1 PGE Z . 5.16 -16.88 31.26
H12 PGE Z . 4.54 -18.28 30.37
HO1 PGE Z . 5.86 -18.88 32.17
H2 PGE Z . 5.92 -16.15 29.26
H22 PGE Z . 7.18 -17.41 29.41
H3 PGE Z . 7.04 -17.08 27.19
H32 PGE Z . 5.81 -17.95 26.26
H4 PGE Z . 8.02 -19.11 27.99
H42 PGE Z . 7.75 -19.36 26.26
HO4 PGE Z . 9.31 -23.13 29.14
H6 PGE Z . 7.50 -21.67 29.29
H62 PGE Z . 7.06 -23.21 28.55
H5 PGE Z . 6.60 -22.24 26.56
H52 PGE Z . 8.09 -21.30 26.57
LI LI AA . 10.94 -12.55 -3.01
C1 PEG BA . 27.76 1.57 5.48
O1 PEG BA . 27.87 2.98 5.74
C2 PEG BA . 28.22 0.76 6.68
O2 PEG BA . 27.11 0.44 7.55
C3 PEG BA . 27.60 0.29 8.88
C4 PEG BA . 26.71 -0.66 9.63
O4 PEG BA . 25.66 0.09 10.26
H11 PEG BA . 26.72 1.33 5.23
H12 PEG BA . 28.38 1.31 4.61
HO1 PEG BA . 27.58 3.49 4.96
H21 PEG BA . 28.68 -0.17 6.34
H22 PEG BA . 28.96 1.32 7.24
H31 PEG BA . 28.62 -0.10 8.87
H32 PEG BA . 27.61 1.26 9.38
H41 PEG BA . 26.27 -1.40 8.95
H42 PEG BA . 27.28 -1.20 10.39
HO4 PEG BA . 25.08 -0.51 10.74
#